data_1HKG
#
_entry.id   1HKG
#
_cell.length_a   144.800
_cell.length_b   78.800
_cell.length_c   61.900
_cell.angle_alpha   90.00
_cell.angle_beta   90.00
_cell.angle_gamma   90.00
#
_symmetry.space_group_name_H-M   'P 21 21 21'
#
_entity_poly.entity_id   1
_entity_poly.type   'polypeptide(L)'
_entity_poly.pdbx_seq_one_letter_code
;AAS(UNK)D(UNK)SLVEVH(UNK)(UNK)VFIVPP(UNK)ILQAVVSIATTR(UNK)DD(UNK)DSAAASIPMVPGWVL
KQV(UNK)GSQAGSFLAIVMGGGDLEVILI(UNK)LAGYQESSI(UNK)ASRSLAASM(UNK)TTAIPSDLWGN(UNK)A
(UNK)SNAAFSS(UNK)EFSS(UNK)AGSVPLGFTF(UNK)EAGAKE(UNK)VIKGQIT(UNK)QA(UNK)AFSLA
(UNK)L(UNK)KLISAM(UNK)NA(UNK)FPAGD(UNK)(UNK)(UNK)(UNK)VADI(UNK)DSHGIL(UNK)(UNK)V
NYTDA(UNK)IKMGIIFGSGVNAAYWCDST(UNK)IADAADAG(UNK)(UNK)GGAG(UNK)M(UNK)VCC(UNK)QDSF
RKAFPSLPQI(UNK)Y(UNK)(UNK)TLN(UNK)(UNK)SP(UNK)A(UNK)KTFEKNS(UNK)AKN(UNK)GQSLRDVL
M(UNK)YK(UNK)(UNK)GQ(UNK)H(UNK)(UNK)(UNK)A(UNK)DF(UNK)AANVENSSYPAKIQKLPHFDLR
(UNK)(UNK)(UNK)DLF(UNK)GDQGIA(UNK)KT(UNK)MK(UNK)VVRR(UNK)LFLIAAYAFRLVVC(UNK)I
(UNK)AICQKKGYSSGHIAA(UNK)GS(UNK)RDYSGFS(UNK)NSAT(UNK)N(UNK)NIYGWPQSA(UNK)(UNK)SK
PI(UNK)ITPAIDGEGAA(UNK)(UNK)VI(UNK)SIASSQ(UNK)(UNK)(UNK)A(UNK)(UNK)SA(UNK)(UNK)A
;
_entity_poly.pdbx_strand_id   A
#
# COMPACT_ATOMS: atom_id res chain seq x y z
N ALA A 1 9.55 23.14 24.19
CA ALA A 1 10.38 22.99 25.48
C ALA A 1 10.58 24.28 26.17
N ALA A 2 11.33 25.11 25.46
CA ALA A 2 11.70 26.46 25.94
C ALA A 2 11.00 27.67 25.13
N SER A 3 9.77 28.03 25.50
CA SER A 3 9.02 29.21 24.87
C SER A 3 9.58 29.61 23.42
N UNK A 4 10.92 29.70 23.38
CA UNK A 4 11.64 30.02 22.17
C UNK A 4 11.51 28.96 21.25
N ASP A 5 11.55 27.81 21.90
CA ASP A 5 11.44 26.50 21.30
C ASP A 5 9.93 26.21 21.10
N UNK A 6 9.28 26.46 22.11
CA UNK A 6 7.92 26.31 22.14
C UNK A 6 7.30 27.12 21.00
N SER A 7 8.13 27.86 20.28
CA SER A 7 7.64 28.64 19.11
C SER A 7 8.11 27.98 17.85
N LEU A 8 9.26 27.43 17.92
CA LEU A 8 9.74 26.75 16.79
C LEU A 8 8.72 25.52 16.61
N VAL A 9 8.34 24.88 17.71
CA VAL A 9 7.33 23.78 17.60
C VAL A 9 6.03 24.37 16.94
N GLU A 10 5.52 25.36 17.48
CA GLU A 10 4.29 25.98 17.01
C GLU A 10 4.06 25.93 15.54
N VAL A 11 5.03 26.47 14.91
CA VAL A 11 5.03 26.65 13.50
C VAL A 11 5.07 25.39 12.69
N HIS A 12 5.49 24.28 13.24
CA HIS A 12 5.43 23.09 12.41
C HIS A 12 4.19 22.32 12.83
N UNK A 13 3.45 22.83 13.81
CA UNK A 13 2.24 22.26 14.07
C UNK A 13 1.37 22.89 12.95
N UNK A 14 1.96 23.85 12.24
CA UNK A 14 1.19 24.57 11.18
C UNK A 14 1.46 23.96 9.84
N VAL A 15 2.60 23.60 9.72
CA VAL A 15 3.14 23.06 8.57
C VAL A 15 2.58 21.64 8.34
N PHE A 16 2.96 20.90 9.34
CA PHE A 16 2.67 19.53 9.54
C PHE A 16 1.34 19.25 10.16
N ILE A 17 0.46 20.31 10.28
CA ILE A 17 -0.98 20.16 10.83
C ILE A 17 -1.92 20.50 9.69
N VAL A 18 -2.73 19.36 9.53
CA VAL A 18 -3.79 19.02 8.46
C VAL A 18 -5.28 18.94 8.89
N PRO A 19 -6.12 19.85 8.52
CA PRO A 19 -7.51 19.84 8.95
C PRO A 19 -8.47 19.54 7.94
N PRO A 20 -9.68 19.19 8.49
CA PRO A 20 -10.95 18.99 7.72
C PRO A 20 -10.97 19.81 6.54
N UNK A 21 -11.26 21.05 6.69
CA UNK A 21 -11.28 21.96 5.52
C UNK A 21 -10.21 21.57 4.44
N ILE A 22 -9.03 21.24 4.89
CA ILE A 22 -7.94 20.83 3.98
C ILE A 22 -8.28 19.49 3.32
N LEU A 23 -8.54 18.56 4.23
CA LEU A 23 -8.90 17.19 3.97
C LEU A 23 -10.01 17.11 3.01
N GLN A 24 -11.02 18.01 3.25
CA GLN A 24 -12.31 18.14 2.45
C GLN A 24 -12.23 18.87 1.07
N ALA A 25 -11.14 19.37 0.72
CA ALA A 25 -11.01 20.09 -0.54
C ALA A 25 -10.10 19.29 -1.43
N VAL A 26 -9.56 18.33 -0.68
CA VAL A 26 -8.63 17.32 -1.11
C VAL A 26 -9.41 16.11 -1.59
N VAL A 27 -10.58 15.92 -0.82
CA VAL A 27 -11.63 14.79 -0.99
C VAL A 27 -12.62 15.02 -2.11
N SER A 28 -12.83 16.23 -2.32
CA SER A 28 -13.69 16.68 -3.31
C SER A 28 -12.85 16.72 -4.62
N ILE A 29 -11.53 16.98 -4.61
CA ILE A 29 -10.72 16.97 -5.94
C ILE A 29 -10.36 15.50 -6.30
N ALA A 30 -10.09 14.69 -5.22
CA ALA A 30 -9.77 13.23 -5.27
C ALA A 30 -10.84 12.46 -6.15
N THR A 31 -12.02 13.16 -6.30
CA THR A 31 -13.18 12.67 -7.01
C THR A 31 -12.94 12.90 -8.37
N THR A 32 -12.81 14.13 -8.66
CA THR A 32 -12.48 14.47 -9.96
C THR A 32 -11.55 13.36 -10.42
N ARG A 33 -10.32 13.61 -9.95
CA ARG A 33 -9.13 12.78 -10.15
C ARG A 33 -9.48 11.28 -10.34
N UNK A 34 -10.33 10.77 -9.39
CA UNK A 34 -10.85 9.33 -9.32
C UNK A 34 -11.80 8.98 -10.48
N ASP A 35 -12.63 9.86 -10.79
CA ASP A 35 -13.52 9.71 -11.88
C ASP A 35 -12.70 9.87 -13.16
N ASP A 36 -11.70 10.81 -13.11
CA ASP A 36 -10.77 11.15 -14.30
C ASP A 36 -10.20 9.90 -15.01
N UNK A 37 -9.67 8.93 -14.40
CA UNK A 37 -9.40 7.81 -15.27
C UNK A 37 -10.39 6.88 -14.85
N ASP A 38 -10.95 6.49 -15.78
CA ASP A 38 -12.01 5.65 -15.79
C ASP A 38 -12.44 6.06 -17.07
N SER A 39 -12.15 7.36 -17.30
CA SER A 39 -12.49 7.97 -18.54
C SER A 39 -11.44 7.70 -19.54
N ALA A 40 -11.51 8.37 -20.58
CA ALA A 40 -10.55 8.20 -21.62
C ALA A 40 -9.32 9.22 -21.26
N ALA A 41 -8.40 8.74 -20.30
CA ALA A 41 -7.20 9.53 -19.83
C ALA A 41 -7.23 9.80 -18.31
N ALA A 42 -6.22 10.40 -17.79
CA ALA A 42 -6.31 10.62 -16.42
C ALA A 42 -4.98 10.48 -15.71
N SER A 43 -4.58 11.70 -15.17
CA SER A 43 -3.34 11.83 -14.35
C SER A 43 -3.39 10.78 -13.14
N ILE A 44 -4.59 10.52 -12.53
CA ILE A 44 -4.62 9.34 -11.36
C ILE A 44 -4.81 7.85 -11.87
N PRO A 45 -3.77 6.98 -11.79
CA PRO A 45 -3.70 5.48 -12.36
C PRO A 45 -5.09 4.74 -12.78
N MET A 46 -5.68 3.82 -11.95
CA MET A 46 -7.08 3.14 -12.25
C MET A 46 -7.16 2.01 -13.25
N VAL A 47 -6.71 0.91 -12.78
CA VAL A 47 -6.59 -0.40 -13.54
C VAL A 47 -7.32 -1.50 -12.72
N PRO A 48 -8.22 -2.23 -13.32
CA PRO A 48 -8.97 -3.23 -12.63
C PRO A 48 -8.14 -4.19 -12.26
N GLY A 49 -8.60 -4.83 -11.33
CA GLY A 49 -7.86 -5.94 -10.69
C GLY A 49 -8.06 -7.19 -11.47
N TRP A 50 -8.96 -6.88 -12.45
CA TRP A 50 -9.56 -7.74 -13.51
C TRP A 50 -10.33 -8.85 -12.94
N VAL A 51 -10.93 -8.49 -11.78
CA VAL A 51 -11.80 -9.43 -10.93
C VAL A 51 -13.23 -9.04 -11.03
N LEU A 52 -13.86 -9.67 -12.00
CA LEU A 52 -15.24 -9.50 -12.37
C LEU A 52 -16.18 -10.33 -11.56
N LYS A 53 -15.70 -11.28 -10.86
CA LYS A 53 -16.62 -12.06 -10.08
C LYS A 53 -16.61 -11.50 -8.59
N GLN A 54 -17.46 -12.10 -7.76
CA GLN A 54 -17.65 -11.66 -6.37
C GLN A 54 -17.56 -12.78 -5.45
N VAL A 55 -16.39 -12.91 -4.91
CA VAL A 55 -16.15 -13.99 -4.00
C VAL A 55 -17.47 -14.39 -3.43
N UNK A 56 -17.75 -15.72 -3.69
CA UNK A 56 -18.99 -16.35 -3.12
C UNK A 56 -18.79 -16.85 -1.59
N GLY A 57 -17.62 -16.83 -1.03
CA GLY A 57 -17.47 -17.31 0.38
C GLY A 57 -17.65 -18.90 0.50
N SER A 58 -18.31 -19.57 -0.42
CA SER A 58 -18.44 -21.08 -0.34
C SER A 58 -17.52 -21.75 -1.41
N GLN A 59 -16.78 -20.84 -2.11
CA GLN A 59 -15.76 -21.30 -3.15
C GLN A 59 -14.70 -22.24 -2.50
N ALA A 60 -14.08 -23.15 -3.30
CA ALA A 60 -13.04 -24.15 -2.73
C ALA A 60 -12.04 -24.73 -3.74
N GLY A 61 -10.77 -24.98 -3.18
CA GLY A 61 -9.64 -25.60 -3.97
C GLY A 61 -8.18 -25.35 -3.38
N SER A 62 -7.20 -25.64 -4.24
CA SER A 62 -5.72 -25.54 -3.98
C SER A 62 -5.09 -24.44 -4.82
N PHE A 63 -4.39 -23.53 -4.18
CA PHE A 63 -3.83 -22.33 -4.89
C PHE A 63 -2.63 -21.95 -4.31
N LEU A 64 -2.07 -21.00 -4.94
CA LEU A 64 -0.82 -20.52 -4.54
C LEU A 64 -0.85 -18.92 -4.57
N ALA A 65 0.22 -18.38 -3.90
CA ALA A 65 0.47 -17.02 -3.71
C ALA A 65 1.85 -16.83 -3.24
N ILE A 66 2.14 -15.60 -3.24
CA ILE A 66 3.40 -15.10 -2.92
C ILE A 66 3.25 -13.65 -2.88
N VAL A 67 4.01 -13.04 -2.05
CA VAL A 67 3.93 -11.53 -1.92
C VAL A 67 5.30 -10.88 -2.11
N MET A 68 5.55 -10.27 -3.33
CA MET A 68 6.92 -9.67 -3.62
C MET A 68 7.08 -8.08 -3.75
N GLY A 69 7.96 -7.70 -2.89
CA GLY A 69 8.43 -6.37 -2.65
C GLY A 69 9.29 -6.45 -1.42
N GLY A 70 8.78 -5.73 -0.43
CA GLY A 70 9.45 -5.58 0.90
C GLY A 70 10.88 -6.21 0.93
N GLY A 71 11.03 -7.13 1.80
CA GLY A 71 12.29 -7.89 1.97
C GLY A 71 11.90 -9.34 2.42
N ASP A 72 11.44 -10.11 1.51
CA ASP A 72 11.00 -11.49 1.76
C ASP A 72 9.88 -11.75 0.72
N LEU A 73 9.84 -13.00 0.23
CA LEU A 73 8.81 -13.42 -0.68
C LEU A 73 8.10 -14.74 -0.06
N GLU A 74 6.74 -14.66 0.02
CA GLU A 74 5.94 -15.75 0.61
C GLU A 74 5.04 -16.40 -0.35
N VAL A 75 5.02 -17.66 0.09
CA VAL A 75 4.36 -18.83 -0.44
C VAL A 75 3.28 -19.36 0.56
N ILE A 76 2.13 -19.70 -0.08
CA ILE A 76 0.96 -20.21 0.59
C ILE A 76 -0.03 -20.90 -0.42
N LEU A 77 -0.46 -22.05 -0.02
CA LEU A 77 -1.44 -22.87 -0.72
C LEU A 77 -2.72 -22.84 0.05
N ILE A 78 -3.82 -23.13 -0.51
CA ILE A 78 -4.99 -23.09 0.33
C ILE A 78 -6.09 -23.81 -0.29
N UNK A 79 -7.02 -24.01 0.63
CA UNK A 79 -8.24 -24.73 0.46
C UNK A 79 -9.45 -23.96 1.11
N LEU A 80 -10.16 -23.35 0.24
CA LEU A 80 -11.33 -22.68 0.57
C LEU A 80 -12.26 -23.79 1.04
N ALA A 81 -13.27 -23.43 1.71
CA ALA A 81 -14.24 -24.38 2.18
C ALA A 81 -15.20 -23.64 3.12
N GLY A 82 -16.32 -23.24 2.44
CA GLY A 82 -17.50 -22.50 2.98
C GLY A 82 -17.11 -21.19 3.65
N TYR A 83 -16.77 -20.21 2.83
CA TYR A 83 -16.39 -18.90 3.36
C TYR A 83 -15.05 -19.03 4.33
N GLN A 84 -14.25 -20.12 4.15
CA GLN A 84 -13.00 -20.35 4.99
C GLN A 84 -11.78 -20.87 4.18
N GLU A 85 -10.67 -20.19 4.56
CA GLU A 85 -9.34 -20.37 3.98
C GLU A 85 -8.29 -21.03 4.91
N SER A 86 -7.46 -21.86 4.14
CA SER A 86 -6.39 -22.73 4.69
C SER A 86 -5.03 -22.88 3.97
N SER A 87 -4.31 -21.79 4.05
CA SER A 87 -2.94 -21.57 3.48
C SER A 87 -1.72 -22.10 4.36
N ILE A 88 -0.58 -22.21 3.75
CA ILE A 88 0.68 -22.63 4.38
C ILE A 88 1.79 -22.00 3.63
N UNK A 89 2.60 -21.17 4.39
CA UNK A 89 3.72 -20.43 3.75
C UNK A 89 5.09 -20.44 4.37
N ALA A 90 5.64 -19.22 4.12
CA ALA A 90 6.98 -18.74 4.49
C ALA A 90 7.61 -18.02 3.33
N SER A 91 8.76 -18.41 3.07
CA SER A 91 9.58 -17.87 1.88
C SER A 91 10.98 -17.48 2.32
N ARG A 92 11.72 -16.71 1.50
CA ARG A 92 13.13 -16.30 1.88
C ARG A 92 13.39 -14.79 1.54
N SER A 93 14.14 -14.24 2.40
CA SER A 93 14.57 -12.88 2.39
C SER A 93 15.16 -12.44 1.09
N LEU A 94 14.70 -11.32 0.71
CA LEU A 94 15.13 -10.70 -0.46
C LEU A 94 16.71 -10.78 -0.50
N ALA A 95 17.20 -11.98 -0.26
CA ALA A 95 18.63 -12.24 -0.33
C ALA A 95 19.33 -10.91 -0.62
N ALA A 96 20.11 -10.38 0.40
CA ALA A 96 20.88 -9.00 0.34
C ALA A 96 21.46 -8.61 -1.01
N SER A 97 20.96 -7.51 -1.63
CA SER A 97 21.47 -7.01 -3.02
C SER A 97 20.27 -6.84 -4.06
N MET A 98 19.15 -7.43 -3.70
CA MET A 98 17.88 -7.47 -4.50
C MET A 98 17.29 -6.00 -4.89
N UNK A 99 18.09 -5.18 -5.55
CA UNK A 99 17.65 -3.82 -5.98
C UNK A 99 18.11 -3.42 -7.26
N THR A 100 19.28 -3.81 -7.40
CA THR A 100 20.04 -3.56 -8.51
C THR A 100 20.40 -4.93 -9.05
N THR A 101 19.80 -5.28 -10.03
CA THR A 101 20.00 -6.54 -10.56
C THR A 101 19.44 -6.35 -11.86
N ALA A 102 19.02 -7.36 -12.44
CA ALA A 102 18.40 -7.22 -13.72
C ALA A 102 18.06 -8.47 -14.23
N ILE A 103 16.86 -8.76 -13.98
CA ILE A 103 16.44 -9.90 -14.50
C ILE A 103 15.77 -10.72 -13.52
N PRO A 104 14.68 -11.16 -14.11
CA PRO A 104 13.85 -12.12 -13.50
C PRO A 104 14.72 -13.36 -13.54
N SER A 105 15.90 -13.05 -14.17
CA SER A 105 17.04 -13.95 -14.44
C SER A 105 17.87 -14.25 -13.23
N ASP A 106 17.60 -13.40 -12.27
CA ASP A 106 18.29 -13.45 -10.99
C ASP A 106 17.32 -13.27 -9.95
N LEU A 107 16.49 -12.18 -10.22
CA LEU A 107 15.30 -11.83 -9.28
C LEU A 107 14.07 -12.87 -9.51
N TRP A 108 13.92 -13.20 -10.73
CA TRP A 108 12.91 -14.13 -11.23
C TRP A 108 13.44 -15.67 -11.11
N GLY A 109 14.80 -15.75 -11.03
CA GLY A 109 15.58 -17.04 -11.00
C GLY A 109 15.73 -17.64 -9.59
N ASN A 110 15.01 -16.98 -8.66
CA ASN A 110 15.04 -17.37 -7.27
C ASN A 110 13.71 -17.75 -6.76
N UNK A 111 12.68 -16.99 -7.18
CA UNK A 111 11.27 -17.25 -6.69
C UNK A 111 10.91 -18.63 -6.99
N ALA A 112 11.76 -19.30 -7.62
CA ALA A 112 11.49 -20.67 -7.97
C ALA A 112 12.08 -21.48 -6.89
N UNK A 113 13.40 -21.59 -7.05
CA UNK A 113 14.21 -22.28 -6.11
C UNK A 113 13.36 -22.34 -4.87
N SER A 114 13.03 -21.07 -4.56
CA SER A 114 12.20 -20.65 -3.46
C SER A 114 10.95 -21.55 -3.47
N ASN A 115 10.19 -21.54 -4.52
CA ASN A 115 8.96 -22.44 -4.67
C ASN A 115 9.43 -23.96 -4.54
N ALA A 116 10.66 -24.13 -4.99
CA ALA A 116 11.40 -25.41 -5.01
C ALA A 116 11.31 -26.06 -3.74
N ALA A 117 12.13 -25.56 -2.92
CA ALA A 117 12.32 -26.03 -1.56
C ALA A 117 10.98 -26.02 -0.84
N PHE A 118 9.92 -25.59 -1.49
CA PHE A 118 8.51 -25.58 -0.92
C PHE A 118 7.90 -26.91 -0.95
N SER A 119 7.26 -27.00 -2.05
CA SER A 119 6.58 -28.12 -2.49
C SER A 119 7.20 -29.30 -1.84
N SER A 120 8.19 -29.80 -2.62
CA SER A 120 9.03 -30.98 -2.30
C SER A 120 8.97 -31.31 -0.85
N UNK A 121 8.80 -30.17 -0.03
CA UNK A 121 8.79 -30.22 1.52
C UNK A 121 7.33 -30.40 2.08
N GLU A 122 6.35 -30.07 1.33
CA GLU A 122 5.02 -30.19 1.87
C GLU A 122 4.30 -31.27 1.25
N PHE A 123 4.15 -31.12 -0.08
CA PHE A 123 3.45 -32.13 -0.84
C PHE A 123 4.35 -33.26 -1.00
N SER A 124 5.43 -32.91 -1.66
CA SER A 124 6.44 -33.83 -2.05
C SER A 124 5.96 -34.38 -3.35
N SER A 125 5.48 -33.35 -4.16
CA SER A 125 4.90 -33.48 -5.59
C SER A 125 3.46 -32.82 -5.77
N UNK A 126 2.44 -33.77 -5.58
CA UNK A 126 0.90 -33.51 -5.61
C UNK A 126 0.03 -34.22 -6.82
N ALA A 127 -1.23 -34.67 -6.55
CA ALA A 127 -2.10 -35.37 -7.62
C ALA A 127 -3.25 -34.41 -8.22
N GLY A 128 -3.02 -33.72 -9.33
CA GLY A 128 -4.12 -32.85 -9.89
C GLY A 128 -3.62 -31.87 -10.92
N SER A 129 -2.50 -31.24 -10.53
CA SER A 129 -1.89 -30.22 -11.49
C SER A 129 -2.21 -28.77 -10.97
N VAL A 130 -2.01 -28.66 -9.62
CA VAL A 130 -2.20 -27.34 -8.92
C VAL A 130 -2.41 -26.12 -10.01
N PRO A 131 -3.11 -24.85 -9.60
CA PRO A 131 -3.28 -23.55 -10.40
C PRO A 131 -2.55 -22.41 -9.68
N LEU A 132 -2.42 -21.19 -10.15
CA LEU A 132 -1.63 -20.17 -9.31
C LEU A 132 -1.96 -18.75 -9.55
N GLY A 133 -1.58 -17.92 -8.62
CA GLY A 133 -1.77 -16.41 -8.79
C GLY A 133 -0.50 -15.55 -8.29
N PHE A 134 0.05 -14.50 -9.01
CA PHE A 134 1.24 -13.71 -8.36
C PHE A 134 1.35 -12.23 -8.72
N THR A 135 1.00 -11.60 -7.63
CA THR A 135 0.90 -10.19 -7.34
C THR A 135 2.15 -9.28 -7.79
N PHE A 136 1.88 -8.12 -8.24
CA PHE A 136 2.91 -7.24 -8.59
C PHE A 136 2.76 -5.99 -7.95
N UNK A 137 3.37 -5.85 -6.85
CA UNK A 137 3.35 -4.56 -6.30
C UNK A 137 4.83 -4.04 -6.86
N GLU A 138 4.72 -3.16 -7.86
CA GLU A 138 5.83 -2.50 -8.65
C GLU A 138 5.14 -1.51 -9.58
N ALA A 139 4.84 -1.96 -10.88
CA ALA A 139 4.08 -1.11 -11.99
C ALA A 139 2.89 -1.86 -12.66
N GLY A 140 1.69 -1.65 -12.20
CA GLY A 140 0.49 -2.38 -12.73
C GLY A 140 -0.14 -1.85 -14.09
N ALA A 141 -0.08 -2.64 -15.10
CA ALA A 141 -0.69 -2.26 -16.33
C ALA A 141 -1.46 -3.52 -16.82
N LYS A 142 -2.28 -4.00 -15.83
CA LYS A 142 -3.23 -5.21 -15.89
C LYS A 142 -4.30 -5.04 -17.07
N GLU A 143 -4.36 -6.10 -17.89
CA GLU A 143 -5.29 -6.25 -19.08
C GLU A 143 -6.05 -7.70 -19.00
N UNK A 144 -5.65 -8.45 -17.92
CA UNK A 144 -6.14 -9.84 -17.53
C UNK A 144 -5.51 -10.22 -16.18
N VAL A 145 -4.49 -11.10 -16.28
CA VAL A 145 -3.61 -11.64 -15.14
C VAL A 145 -2.48 -12.49 -15.74
N ILE A 146 -2.87 -13.65 -16.06
CA ILE A 146 -2.03 -14.50 -16.73
C ILE A 146 -1.15 -13.39 -17.48
N LYS A 147 -1.75 -12.17 -17.48
CA LYS A 147 -1.17 -10.88 -18.07
C LYS A 147 -0.05 -10.30 -17.24
N GLY A 148 -0.47 -9.27 -16.52
CA GLY A 148 0.35 -8.51 -15.53
C GLY A 148 1.58 -7.71 -16.10
N GLN A 149 1.49 -7.07 -17.19
CA GLN A 149 2.67 -6.30 -17.71
C GLN A 149 2.93 -4.95 -17.01
N ILE A 150 4.23 -4.65 -16.85
CA ILE A 150 4.63 -3.44 -16.25
C ILE A 150 4.05 -2.21 -16.95
N THR A 151 3.70 -1.28 -16.02
CA THR A 151 3.18 0.06 -16.35
C THR A 151 4.31 1.08 -15.99
N UNK A 152 4.86 0.99 -14.71
CA UNK A 152 6.00 1.90 -14.24
C UNK A 152 6.71 1.39 -13.03
N GLN A 153 7.88 1.19 -13.28
CA GLN A 153 8.74 0.73 -12.33
C GLN A 153 8.49 1.47 -11.01
N ALA A 154 8.93 0.71 -9.90
CA ALA A 154 8.83 1.19 -8.46
C ALA A 154 9.10 0.16 -7.29
N UNK A 155 8.19 0.42 -6.30
CA UNK A 155 8.11 -0.31 -5.01
C UNK A 155 9.36 0.10 -4.12
N ALA A 156 10.28 0.90 -4.61
CA ALA A 156 11.45 1.18 -3.77
C ALA A 156 12.63 0.15 -4.26
N PHE A 157 12.13 -0.87 -5.05
CA PHE A 157 12.90 -2.06 -5.65
C PHE A 157 13.85 -1.75 -6.88
N SER A 158 14.51 -2.78 -7.45
CA SER A 158 15.48 -2.49 -8.56
C SER A 158 15.84 -3.60 -9.51
N LEU A 159 15.46 -4.79 -9.32
CA LEU A 159 15.88 -5.80 -10.27
C LEU A 159 15.45 -5.34 -11.73
N ALA A 160 16.39 -4.55 -12.35
CA ALA A 160 16.27 -3.98 -13.59
C ALA A 160 16.03 -5.07 -14.59
N UNK A 161 16.27 -4.59 -15.85
CA UNK A 161 16.08 -5.38 -17.11
C UNK A 161 14.64 -6.09 -16.87
N LEU A 162 13.75 -5.17 -16.44
CA LEU A 162 12.32 -5.34 -16.04
C LEU A 162 11.60 -3.94 -16.37
N UNK A 163 10.36 -3.89 -16.64
CA UNK A 163 9.72 -2.58 -16.96
C UNK A 163 8.96 -2.76 -18.19
N LYS A 164 8.92 -4.08 -18.36
CA LYS A 164 8.26 -4.81 -19.40
C LYS A 164 7.39 -5.88 -18.61
N LEU A 165 6.71 -6.70 -19.33
CA LEU A 165 5.92 -7.69 -18.69
C LEU A 165 6.66 -8.20 -17.54
N ILE A 166 7.34 -7.27 -16.85
CA ILE A 166 8.12 -7.67 -15.67
C ILE A 166 7.23 -8.63 -14.86
N SER A 167 6.15 -8.96 -15.43
CA SER A 167 5.22 -9.82 -14.80
C SER A 167 5.07 -11.22 -15.53
N ALA A 168 4.20 -11.35 -16.50
CA ALA A 168 4.00 -12.65 -17.24
C ALA A 168 5.27 -13.41 -17.47
N MET A 169 6.32 -12.71 -16.93
CA MET A 169 7.78 -13.05 -17.04
C MET A 169 8.31 -14.17 -16.14
N UNK A 170 7.83 -14.12 -14.86
CA UNK A 170 8.19 -14.99 -13.88
C UNK A 170 7.97 -16.34 -14.38
N ASN A 171 6.62 -16.47 -14.66
CA ASN A 171 5.91 -17.67 -15.18
C ASN A 171 6.84 -18.54 -15.90
N ALA A 172 7.33 -17.96 -16.95
CA ALA A 172 8.33 -18.56 -17.95
C ALA A 172 9.47 -19.34 -17.22
N UNK A 173 9.68 -19.03 -16.03
CA UNK A 173 10.70 -19.69 -15.35
C UNK A 173 10.07 -20.81 -14.66
N PHE A 174 8.75 -20.64 -14.65
CA PHE A 174 7.84 -21.64 -14.14
C PHE A 174 8.16 -22.91 -14.95
N PRO A 175 7.62 -22.89 -16.27
CA PRO A 175 7.82 -23.98 -17.34
C PRO A 175 9.20 -24.36 -17.72
N ALA A 176 10.11 -23.40 -17.47
CA ALA A 176 11.54 -23.47 -17.80
C ALA A 176 12.24 -24.56 -16.94
N GLY A 177 11.95 -24.46 -15.61
CA GLY A 177 12.39 -25.42 -14.56
C GLY A 177 11.13 -26.23 -14.30
N ASP A 178 10.09 -25.37 -14.43
CA ASP A 178 8.59 -25.63 -14.43
C ASP A 178 7.80 -26.23 -13.18
N UNK A 179 6.55 -26.62 -13.68
CA UNK A 179 5.42 -27.34 -12.96
C UNK A 179 4.03 -26.71 -12.85
N UNK A 180 3.87 -25.44 -13.18
CA UNK A 180 2.52 -24.87 -13.04
C UNK A 180 2.22 -23.64 -13.85
N UNK A 181 0.98 -23.28 -13.43
CA UNK A 181 0.07 -22.23 -13.93
C UNK A 181 -0.03 -20.97 -13.13
N UNK A 182 0.49 -19.90 -13.73
CA UNK A 182 0.36 -18.53 -13.19
C UNK A 182 -1.04 -17.99 -13.80
N VAL A 183 -2.10 -18.02 -13.04
CA VAL A 183 -3.40 -17.61 -13.58
C VAL A 183 -3.63 -16.08 -13.49
N ALA A 184 -2.86 -15.44 -12.55
CA ALA A 184 -2.97 -14.08 -12.40
C ALA A 184 -1.87 -13.54 -11.70
N ASP A 185 -1.62 -12.30 -12.26
CA ASP A 185 -0.61 -11.25 -11.83
C ASP A 185 -1.35 -9.90 -11.46
N ILE A 186 -1.57 -9.79 -10.19
CA ILE A 186 -2.34 -8.73 -9.59
C ILE A 186 -1.63 -7.86 -8.67
N UNK A 187 -2.53 -7.15 -7.95
CA UNK A 187 -2.20 -6.23 -6.85
C UNK A 187 -2.93 -6.73 -5.55
N ASP A 188 -2.33 -6.41 -4.45
CA ASP A 188 -2.72 -6.79 -3.08
C ASP A 188 -3.75 -5.87 -2.53
N SER A 189 -3.82 -4.73 -3.25
CA SER A 189 -4.74 -3.64 -2.94
C SER A 189 -6.10 -4.08 -2.96
N HIS A 190 -6.35 -5.11 -3.83
CA HIS A 190 -7.72 -5.69 -3.94
C HIS A 190 -7.84 -6.92 -3.09
N GLY A 191 -6.81 -7.65 -2.96
CA GLY A 191 -6.89 -8.83 -2.16
C GLY A 191 -7.41 -8.44 -0.84
N ILE A 192 -8.15 -7.44 -0.75
CA ILE A 192 -8.66 -7.09 0.54
C ILE A 192 -10.07 -6.68 0.30
N LEU A 193 -10.34 -6.43 -0.88
CA LEU A 193 -11.66 -6.16 -1.25
C LEU A 193 -12.26 -7.56 -1.39
N UNK A 194 -11.50 -8.25 -2.29
CA UNK A 194 -11.74 -9.62 -2.73
C UNK A 194 -11.58 -10.65 -1.54
N UNK A 195 -10.44 -11.02 -1.14
CA UNK A 195 -10.31 -12.04 -0.07
C UNK A 195 -11.06 -11.67 1.20
N VAL A 196 -11.10 -10.43 1.58
CA VAL A 196 -11.80 -10.06 2.83
C VAL A 196 -13.26 -9.78 2.55
N ASN A 197 -13.58 -9.66 1.30
CA ASN A 197 -14.97 -9.51 0.93
C ASN A 197 -15.53 -10.89 1.06
N TYR A 198 -14.63 -11.88 0.86
CA TYR A 198 -14.98 -13.18 1.02
C TYR A 198 -15.34 -13.37 2.51
N THR A 199 -14.40 -13.08 3.31
CA THR A 199 -14.48 -13.28 4.74
C THR A 199 -15.42 -12.38 5.43
N ASP A 200 -15.57 -11.18 4.85
CA ASP A 200 -16.46 -10.18 5.46
C ASP A 200 -17.29 -9.52 4.42
N ALA A 201 -18.52 -9.91 4.50
CA ALA A 201 -19.67 -9.51 3.65
C ALA A 201 -19.89 -7.99 3.43
N UNK A 202 -19.68 -7.23 4.41
CA UNK A 202 -19.91 -5.68 4.46
C UNK A 202 -18.59 -4.87 4.08
N ILE A 203 -17.54 -5.67 3.65
CA ILE A 203 -16.20 -5.13 3.22
C ILE A 203 -16.32 -4.35 1.93
N LYS A 204 -16.05 -3.10 2.07
CA LYS A 204 -16.23 -2.07 0.94
C LYS A 204 -14.94 -1.73 0.14
N MET A 205 -13.79 -1.92 0.87
CA MET A 205 -12.51 -1.59 0.29
C MET A 205 -11.38 -2.50 0.61
N GLY A 206 -10.41 -2.09 -0.15
CA GLY A 206 -9.11 -2.59 -0.23
C GLY A 206 -8.23 -1.39 -0.48
N ILE A 207 -7.71 -1.00 0.67
CA ILE A 207 -6.75 0.10 0.90
C ILE A 207 -5.42 -0.53 1.51
N ILE A 208 -4.18 -0.28 1.07
CA ILE A 208 -3.01 -0.92 1.89
C ILE A 208 -2.02 0.27 2.38
N PHE A 209 -1.34 0.13 3.56
CA PHE A 209 -0.49 1.29 4.15
C PHE A 209 1.04 1.08 4.35
N GLY A 210 1.84 1.28 3.27
CA GLY A 210 3.31 1.04 3.41
C GLY A 210 4.28 2.06 2.73
N SER A 211 5.02 1.58 1.81
CA SER A 211 6.01 2.37 1.19
C SER A 211 5.33 3.13 0.18
N GLY A 212 4.25 2.51 -0.12
CA GLY A 212 3.27 2.97 -1.02
C GLY A 212 1.87 2.77 -0.35
N VAL A 213 1.10 3.80 -0.33
CA VAL A 213 -0.25 3.67 0.18
C VAL A 213 -1.06 3.51 -1.07
N ASN A 214 -2.25 2.84 -0.89
CA ASN A 214 -3.20 2.50 -2.05
C ASN A 214 -4.52 1.89 -1.61
N ALA A 215 -5.40 1.76 -2.53
CA ALA A 215 -6.69 1.18 -2.21
C ALA A 215 -7.38 0.60 -3.52
N ALA A 216 -8.47 -0.13 -3.35
CA ALA A 216 -9.23 -0.63 -4.53
C ALA A 216 -10.70 -0.97 -4.12
N TYR A 217 -11.54 -0.42 -4.86
CA TYR A 217 -12.92 -0.55 -4.68
C TYR A 217 -13.52 -1.01 -6.00
N TRP A 218 -14.59 -1.78 -5.87
CA TRP A 218 -15.41 -2.37 -6.98
C TRP A 218 -16.24 -1.36 -7.79
N CYS A 219 -15.97 -0.97 -9.00
CA CYS A 219 -16.99 -0.08 -9.62
C CYS A 219 -18.01 -1.03 -10.18
N ASP A 220 -18.72 -0.54 -11.15
CA ASP A 220 -19.75 -1.24 -11.91
C ASP A 220 -19.35 -1.12 -13.43
N SER A 221 -18.87 -2.15 -14.03
CA SER A 221 -18.42 -2.09 -15.46
C SER A 221 -18.97 -0.90 -16.26
N THR A 222 -19.93 -0.15 -15.66
CA THR A 222 -20.60 0.97 -16.41
C THR A 222 -20.15 2.37 -15.93
N UNK A 223 -19.15 2.26 -15.02
CA UNK A 223 -18.56 3.35 -14.40
C UNK A 223 -17.28 3.57 -15.09
N ILE A 224 -16.65 2.36 -15.36
CA ILE A 224 -15.39 2.33 -16.03
C ILE A 224 -15.55 3.03 -17.42
N ALA A 225 -14.48 3.16 -18.18
CA ALA A 225 -14.55 3.73 -19.58
C ALA A 225 -13.59 2.77 -20.42
N ASP A 226 -13.60 1.57 -19.88
CA ASP A 226 -12.89 0.39 -20.37
C ASP A 226 -14.00 -0.38 -21.15
N ALA A 227 -15.19 0.23 -20.98
CA ALA A 227 -16.38 -0.25 -21.57
C ALA A 227 -16.44 0.07 -23.08
N ALA A 228 -15.67 -0.80 -23.81
CA ALA A 228 -15.56 -0.84 -25.34
C ALA A 228 -15.10 -2.25 -25.78
N ASP A 229 -15.23 -3.09 -24.83
CA ASP A 229 -14.88 -4.47 -24.86
C ASP A 229 -15.60 -5.06 -23.75
N ALA A 230 -16.48 -5.95 -24.10
CA ALA A 230 -17.30 -6.64 -23.03
C ALA A 230 -17.88 -7.92 -23.68
N GLY A 231 -19.17 -8.13 -23.62
CA GLY A 231 -19.76 -9.32 -24.23
C GLY A 231 -20.36 -10.18 -23.19
N UNK A 232 -19.39 -10.83 -22.46
CA UNK A 232 -19.68 -11.75 -21.31
C UNK A 232 -19.46 -11.08 -19.96
N UNK A 233 -19.39 -9.76 -20.02
CA UNK A 233 -19.18 -8.94 -18.84
C UNK A 233 -20.53 -8.26 -18.37
N GLY A 234 -21.05 -9.02 -17.34
CA GLY A 234 -22.31 -8.81 -16.57
C GLY A 234 -23.08 -7.68 -17.17
N GLY A 235 -22.28 -6.94 -17.99
CA GLY A 235 -22.81 -5.65 -18.71
C GLY A 235 -23.06 -4.38 -17.69
N ALA A 236 -22.92 -4.59 -16.44
CA ALA A 236 -23.10 -3.55 -15.42
C ALA A 236 -23.47 -4.24 -14.12
N GLY A 237 -22.38 -4.34 -13.33
CA GLY A 237 -22.37 -5.02 -11.93
C GLY A 237 -21.00 -5.73 -11.71
N UNK A 238 -20.56 -5.67 -10.51
CA UNK A 238 -19.28 -6.27 -10.05
C UNK A 238 -18.06 -6.09 -11.08
N MET A 239 -16.98 -5.48 -10.60
CA MET A 239 -15.67 -5.28 -11.37
C MET A 239 -14.64 -4.53 -10.44
N UNK A 240 -13.58 -5.17 -10.05
CA UNK A 240 -12.59 -4.57 -9.13
C UNK A 240 -11.50 -3.78 -9.79
N VAL A 241 -11.87 -2.54 -10.14
CA VAL A 241 -10.90 -1.63 -10.76
C VAL A 241 -9.69 -1.46 -9.70
N CYS A 242 -8.44 -1.69 -10.21
CA CYS A 242 -7.15 -1.49 -9.30
C CYS A 242 -6.65 0.05 -9.14
N CYS A 243 -7.31 0.77 -8.27
CA CYS A 243 -7.09 2.24 -7.96
C CYS A 243 -5.65 2.87 -8.21
N UNK A 244 -4.71 2.60 -7.32
CA UNK A 244 -3.31 3.07 -7.47
C UNK A 244 -3.28 4.64 -7.28
N GLN A 245 -3.82 5.06 -6.13
CA GLN A 245 -3.96 6.52 -5.70
C GLN A 245 -2.56 7.18 -5.26
N ASP A 246 -1.60 6.43 -5.59
CA ASP A 246 -0.22 6.71 -5.40
C ASP A 246 0.20 7.96 -6.15
N SER A 247 -0.50 8.03 -7.29
CA SER A 247 -0.34 9.01 -8.37
C SER A 247 -1.27 10.15 -8.25
N PHE A 248 -2.03 10.08 -7.16
CA PHE A 248 -3.07 11.10 -6.79
C PHE A 248 -2.57 12.62 -6.63
N ARG A 249 -3.12 13.54 -7.40
CA ARG A 249 -2.81 15.06 -7.32
C ARG A 249 -1.26 15.53 -7.47
N LYS A 250 -0.67 15.28 -8.62
CA LYS A 250 0.70 15.74 -8.89
C LYS A 250 0.67 16.74 -9.93
N ALA A 251 -0.48 16.92 -10.49
CA ALA A 251 -0.62 17.99 -11.43
C ALA A 251 -0.37 19.23 -10.37
N PHE A 252 -0.30 18.66 -9.09
CA PHE A 252 -0.04 19.29 -7.66
C PHE A 252 -0.96 20.40 -7.25
N PRO A 253 -2.05 20.53 -8.05
CA PRO A 253 -3.11 21.61 -7.79
C PRO A 253 -4.16 21.28 -6.66
N SER A 254 -3.71 20.64 -5.56
CA SER A 254 -4.66 20.36 -4.43
C SER A 254 -4.11 19.74 -3.18
N LEU A 255 -3.05 18.86 -3.24
CA LEU A 255 -2.43 18.20 -1.96
C LEU A 255 -1.73 19.31 -1.16
N PRO A 256 -1.88 19.37 0.24
CA PRO A 256 -1.21 20.51 0.97
C PRO A 256 0.33 20.33 1.07
N GLN A 257 0.86 19.46 0.21
CA GLN A 257 2.33 19.20 0.10
C GLN A 257 3.12 20.37 0.91
N ILE A 258 3.46 20.25 2.22
CA ILE A 258 4.19 21.42 2.99
C ILE A 258 5.49 22.02 2.22
N UNK A 259 6.69 22.06 2.90
CA UNK A 259 7.97 22.63 2.24
C UNK A 259 9.18 21.60 2.15
N TYR A 260 9.13 20.58 3.07
CA TYR A 260 10.14 19.42 3.08
C TYR A 260 9.65 18.40 1.99
N UNK A 261 8.29 18.44 1.93
CA UNK A 261 7.41 17.68 1.00
C UNK A 261 7.94 17.90 -0.44
N UNK A 262 8.43 19.10 -0.66
CA UNK A 262 9.07 19.48 -1.95
C UNK A 262 10.53 18.87 -2.07
N THR A 263 11.17 18.69 -1.03
CA THR A 263 12.52 18.20 -1.04
C THR A 263 12.61 16.80 -1.51
N LEU A 264 12.22 15.98 -0.61
CA LEU A 264 12.29 14.50 -0.88
C LEU A 264 12.42 14.26 -2.50
N ASN A 265 11.74 15.11 -3.20
CA ASN A 265 11.61 15.07 -4.66
C ASN A 265 12.74 15.46 -5.39
N UNK A 266 12.98 16.71 -5.38
CA UNK A 266 14.09 17.21 -6.11
C UNK A 266 15.30 16.31 -5.84
N UNK A 267 15.79 16.32 -4.63
CA UNK A 267 17.01 15.50 -4.16
C UNK A 267 16.89 13.97 -4.52
N SER A 268 15.66 13.58 -4.50
CA SER A 268 15.16 12.10 -4.76
C SER A 268 15.11 11.74 -6.30
N PRO A 269 14.33 10.60 -6.71
CA PRO A 269 14.19 10.14 -8.17
C PRO A 269 13.21 10.94 -8.84
N UNK A 270 13.12 12.02 -8.06
CA UNK A 270 12.37 13.22 -8.26
C UNK A 270 10.91 13.04 -8.69
N ALA A 271 10.38 14.36 -8.64
CA ALA A 271 9.00 14.96 -8.95
C ALA A 271 7.89 13.78 -9.15
N UNK A 272 8.09 12.70 -8.31
CA UNK A 272 7.26 11.40 -8.32
C UNK A 272 6.32 11.05 -7.07
N LYS A 273 5.22 10.32 -7.43
CA LYS A 273 4.21 9.74 -6.48
C LYS A 273 3.71 10.65 -5.38
N THR A 274 3.18 11.85 -5.73
CA THR A 274 2.69 12.91 -4.70
C THR A 274 1.81 12.35 -3.52
N PHE A 275 0.60 11.94 -3.73
CA PHE A 275 -0.18 11.41 -2.59
C PHE A 275 0.59 10.30 -1.79
N GLU A 276 1.57 9.49 -2.34
CA GLU A 276 2.29 8.62 -1.32
C GLU A 276 3.47 9.32 -0.77
N LYS A 277 4.20 10.07 -1.55
CA LYS A 277 5.37 10.76 -1.01
C LYS A 277 4.88 11.70 0.16
N ASN A 278 3.51 11.96 0.23
CA ASN A 278 2.82 12.87 1.30
C ASN A 278 1.79 12.24 2.23
N SER A 279 1.62 10.93 2.05
CA SER A 279 0.67 10.11 2.74
C SER A 279 1.25 8.76 3.11
N UNK A 280 2.52 8.53 2.77
CA UNK A 280 3.18 7.18 2.94
C UNK A 280 3.88 6.83 4.22
N ALA A 281 3.97 5.50 4.39
CA ALA A 281 4.59 4.78 5.55
C ALA A 281 6.19 4.74 5.51
N LYS A 282 6.71 4.54 4.31
CA LYS A 282 8.16 4.40 4.06
C LYS A 282 9.00 5.62 3.87
N ASN A 283 8.40 6.78 3.50
CA ASN A 283 9.17 8.12 3.25
C ASN A 283 9.16 9.14 4.40
N UNK A 284 8.29 8.82 5.33
CA UNK A 284 8.06 9.70 6.49
C UNK A 284 9.33 9.75 7.47
N GLY A 285 9.80 8.65 8.02
CA GLY A 285 11.01 8.67 9.00
C GLY A 285 12.09 9.81 8.66
N GLN A 286 12.29 9.93 7.33
CA GLN A 286 13.24 10.87 6.57
C GLN A 286 12.87 12.39 6.67
N SER A 287 11.59 12.61 6.80
CA SER A 287 10.99 13.95 6.83
C SER A 287 11.40 14.62 8.05
N LEU A 288 11.63 13.70 8.98
CA LEU A 288 12.12 13.93 10.31
C LEU A 288 13.43 14.61 10.13
N ARG A 289 14.13 13.98 9.27
CA ARG A 289 15.45 14.31 8.88
C ARG A 289 15.58 15.54 7.92
N ASP A 290 14.57 16.22 7.59
CA ASP A 290 14.78 17.38 6.71
C ASP A 290 14.52 18.62 7.60
N VAL A 291 13.82 18.27 8.63
CA VAL A 291 13.37 19.23 9.58
C VAL A 291 14.38 19.33 10.66
N LEU A 292 14.74 18.16 11.12
CA LEU A 292 15.71 18.07 12.15
C LEU A 292 16.93 18.81 11.62
N MET A 293 17.23 18.54 10.32
CA MET A 293 18.38 19.19 9.56
C MET A 293 18.25 20.71 9.56
N UNK A 294 17.22 21.22 8.90
CA UNK A 294 16.89 22.71 8.89
C UNK A 294 17.13 23.40 10.37
N TYR A 295 16.75 22.68 11.49
CA TYR A 295 16.90 23.27 12.89
C TYR A 295 18.28 23.05 13.39
N LYS A 296 18.98 22.23 12.68
CA LYS A 296 20.35 21.94 12.92
C LYS A 296 21.15 23.13 12.47
N UNK A 297 20.70 23.70 11.34
CA UNK A 297 21.36 24.90 10.77
C UNK A 297 20.86 26.22 11.43
N UNK A 298 19.65 26.65 11.36
CA UNK A 298 19.36 27.91 12.08
C UNK A 298 19.72 27.70 13.57
N GLY A 299 20.39 26.57 13.81
CA GLY A 299 20.95 26.13 15.16
C GLY A 299 19.97 26.24 16.38
N GLN A 300 19.02 25.30 16.33
CA GLN A 300 17.96 25.13 17.28
C GLN A 300 18.30 23.99 18.23
N UNK A 301 18.95 23.02 17.76
CA UNK A 301 19.21 21.93 18.61
C UNK A 301 20.36 21.07 18.09
N HIS A 302 20.71 20.15 18.98
CA HIS A 302 21.82 19.35 18.75
C HIS A 302 22.90 20.36 19.02
N UNK A 303 22.57 21.20 19.95
CA UNK A 303 23.39 22.33 20.31
C UNK A 303 24.90 22.03 20.34
N UNK A 304 25.44 21.99 19.07
CA UNK A 304 26.91 21.79 18.75
C UNK A 304 27.32 20.60 17.89
N UNK A 305 26.74 19.52 18.41
CA UNK A 305 26.85 18.06 18.04
C UNK A 305 27.50 17.75 16.71
N ALA A 306 27.24 16.50 16.29
CA ALA A 306 27.70 15.89 14.99
C ALA A 306 26.50 15.31 14.29
N UNK A 307 26.44 15.73 13.05
CA UNK A 307 25.44 15.30 12.11
C UNK A 307 26.18 14.43 11.03
N ASP A 308 25.86 13.18 11.11
CA ASP A 308 26.37 12.10 10.24
C ASP A 308 25.09 11.31 9.99
N PHE A 309 24.18 12.06 10.48
CA PHE A 309 22.81 11.84 10.52
C PHE A 309 22.29 12.46 9.18
N UNK A 310 23.21 13.36 8.64
CA UNK A 310 22.95 14.12 7.39
C UNK A 310 23.08 13.31 6.22
N ALA A 311 23.25 12.04 6.42
CA ALA A 311 23.28 11.22 5.31
C ALA A 311 22.03 11.52 4.64
N ALA A 312 22.24 12.00 3.43
CA ALA A 312 21.15 12.35 2.57
C ALA A 312 20.23 11.02 2.62
N ASN A 313 19.25 10.95 3.57
CA ASN A 313 18.27 9.72 3.82
C ASN A 313 19.00 8.44 4.45
N VAL A 314 19.85 8.76 5.39
CA VAL A 314 20.71 7.85 6.19
C VAL A 314 19.78 6.92 7.21
N GLU A 315 18.58 7.49 7.69
CA GLU A 315 17.57 6.75 8.64
C GLU A 315 16.15 6.58 7.95
N ASN A 316 15.41 5.49 8.47
CA ASN A 316 14.01 5.00 7.97
C ASN A 316 12.81 5.40 8.73
N SER A 317 11.79 4.53 8.49
CA SER A 317 10.44 4.67 9.05
C SER A 317 10.28 4.20 10.50
N SER A 318 10.90 3.12 10.86
CA SER A 318 10.78 2.57 12.27
C SER A 318 11.18 3.66 13.38
N TYR A 319 12.24 4.35 13.06
CA TYR A 319 12.85 5.43 13.83
C TYR A 319 11.83 6.37 14.44
N PRO A 320 11.29 7.36 13.63
CA PRO A 320 10.29 8.38 13.98
C PRO A 320 9.06 7.85 14.72
N ALA A 321 8.76 6.57 14.54
CA ALA A 321 7.59 5.87 15.18
C ALA A 321 7.94 5.20 16.49
N LYS A 322 9.23 5.39 16.88
CA LYS A 322 9.81 4.75 18.06
C LYS A 322 10.21 5.71 19.01
N ILE A 323 10.15 6.84 18.44
CA ILE A 323 10.39 8.06 19.04
C ILE A 323 9.06 8.34 19.73
N GLN A 324 8.00 7.90 18.89
CA GLN A 324 6.50 8.01 19.18
C GLN A 324 5.93 6.99 20.15
N LYS A 325 6.33 5.74 19.89
CA LYS A 325 5.93 4.62 20.74
C LYS A 325 6.61 4.87 22.13
N LEU A 326 7.64 5.76 22.01
CA LEU A 326 8.38 6.21 23.19
C LEU A 326 7.50 6.00 24.47
N PRO A 327 7.72 4.79 25.06
CA PRO A 327 7.01 4.25 26.32
C PRO A 327 7.00 5.22 27.56
N HIS A 328 8.16 5.38 28.21
CA HIS A 328 8.30 6.28 29.42
C HIS A 328 7.68 7.57 29.19
N PHE A 329 8.39 8.40 28.47
CA PHE A 329 7.90 9.77 28.11
C PHE A 329 9.02 10.81 27.97
N ASP A 330 9.88 10.85 29.12
CA ASP A 330 11.09 11.81 29.29
C ASP A 330 11.97 11.69 28.11
N LEU A 331 11.40 10.64 27.40
CA LEU A 331 11.75 10.01 26.08
C LEU A 331 13.24 9.40 26.02
N ARG A 332 13.46 8.34 26.79
CA ARG A 332 14.78 7.68 26.90
C ARG A 332 15.11 6.73 25.84
N UNK A 333 14.11 6.31 25.12
CA UNK A 333 14.28 5.35 24.03
C UNK A 333 14.81 6.19 22.79
N UNK A 334 14.38 7.42 22.76
CA UNK A 334 14.80 8.35 21.74
C UNK A 334 16.30 8.65 22.08
N UNK A 335 16.54 8.91 23.39
CA UNK A 335 17.84 9.17 23.88
C UNK A 335 18.76 8.05 23.37
N ASP A 336 18.34 6.85 23.40
CA ASP A 336 19.17 5.72 22.94
C ASP A 336 19.36 5.81 21.37
N LEU A 337 18.33 5.39 20.70
CA LEU A 337 18.15 5.43 19.26
C LEU A 337 19.08 6.46 18.69
N PHE A 338 19.01 7.65 19.05
CA PHE A 338 19.91 8.59 18.42
C PHE A 338 21.37 8.31 18.97
N UNK A 339 21.72 8.65 20.16
CA UNK A 339 23.10 8.40 20.50
C UNK A 339 23.64 7.51 19.38
N GLY A 340 23.67 6.26 19.75
CA GLY A 340 24.21 5.16 18.97
C GLY A 340 23.51 4.81 17.80
N ASP A 341 23.63 5.80 16.89
CA ASP A 341 23.10 5.77 15.52
C ASP A 341 23.68 6.83 14.69
N GLN A 342 23.69 7.96 15.31
CA GLN A 342 24.17 9.21 14.77
C GLN A 342 24.66 9.91 15.98
N GLY A 343 24.39 9.15 17.01
CA GLY A 343 24.70 9.38 18.39
C GLY A 343 24.75 10.82 18.73
N ILE A 344 23.65 11.38 18.92
CA ILE A 344 23.61 12.75 19.29
C ILE A 344 23.08 12.77 20.71
N ALA A 345 23.19 13.92 21.31
CA ALA A 345 22.63 14.15 22.66
C ALA A 345 22.10 15.56 22.65
N UNK A 346 20.88 15.63 22.88
CA UNK A 346 20.19 16.87 22.96
C UNK A 346 19.29 16.58 24.21
N LYS A 347 18.71 17.69 24.72
CA LYS A 347 17.85 17.77 25.97
C LYS A 347 16.40 17.32 25.68
N THR A 348 15.70 16.95 26.79
CA THR A 348 14.28 16.46 26.68
C THR A 348 13.37 17.50 26.12
N UNK A 349 14.05 18.60 25.78
CA UNK A 349 13.46 19.79 25.16
C UNK A 349 13.73 19.66 23.71
N MET A 350 14.78 18.82 23.49
CA MET A 350 15.17 18.42 22.18
C MET A 350 14.38 17.22 21.84
N LYS A 351 14.50 16.14 22.61
CA LYS A 351 13.68 14.92 22.34
C LYS A 351 12.21 15.24 22.21
N UNK A 352 11.94 16.53 22.50
CA UNK A 352 10.56 17.10 22.54
C UNK A 352 10.26 17.93 21.30
N VAL A 353 11.24 18.08 20.52
CA VAL A 353 11.05 18.73 19.29
C VAL A 353 11.02 17.73 18.34
N VAL A 354 11.74 16.75 18.64
CA VAL A 354 11.83 15.66 17.78
C VAL A 354 10.57 14.78 17.89
N ARG A 355 10.15 14.40 19.14
CA ARG A 355 8.87 13.54 19.40
C ARG A 355 7.51 14.20 18.84
N ARG A 356 7.52 15.46 18.64
CA ARG A 356 6.41 16.22 18.19
C ARG A 356 6.22 16.20 16.79
N UNK A 357 7.33 16.39 16.10
CA UNK A 357 7.36 16.38 14.57
C UNK A 357 6.89 15.08 14.11
N LEU A 358 7.57 14.09 14.74
CA LEU A 358 7.35 12.64 14.59
C LEU A 358 5.76 12.33 14.73
N PHE A 359 5.09 13.34 15.35
CA PHE A 359 3.63 13.33 15.60
C PHE A 359 2.87 13.76 14.50
N LEU A 360 2.89 15.05 14.30
CA LEU A 360 2.13 15.57 13.22
C LEU A 360 2.37 14.68 12.05
N ILE A 361 3.71 14.38 11.85
CA ILE A 361 4.14 13.55 10.67
C ILE A 361 3.25 12.23 10.51
N ALA A 362 2.76 11.88 11.58
CA ALA A 362 1.98 10.77 11.66
C ALA A 362 0.62 11.03 11.47
N ALA A 363 0.11 11.84 12.36
CA ALA A 363 -1.29 12.15 12.32
C ALA A 363 -1.64 12.59 10.90
N TYR A 364 -0.85 13.52 10.27
CA TYR A 364 -1.21 13.97 8.87
C TYR A 364 -0.90 12.82 7.89
N ALA A 365 0.22 12.24 7.82
CA ALA A 365 0.30 11.14 6.86
C ALA A 365 -1.01 10.19 7.17
N PHE A 366 -1.27 9.59 8.37
CA PHE A 366 -2.56 8.70 8.56
C PHE A 366 -3.87 9.52 8.25
N ARG A 367 -4.20 10.44 9.06
CA ARG A 367 -5.37 11.37 8.84
C ARG A 367 -5.56 11.58 7.36
N LEU A 368 -4.38 11.97 6.74
CA LEU A 368 -4.18 12.30 5.24
C LEU A 368 -4.43 11.08 4.31
N VAL A 369 -4.18 9.93 4.89
CA VAL A 369 -4.34 8.60 4.30
C VAL A 369 -5.74 8.31 3.92
N VAL A 370 -6.51 8.19 4.98
CA VAL A 370 -7.99 7.95 4.90
C VAL A 370 -8.76 9.14 4.19
N CYS A 371 -8.14 10.23 3.86
CA CYS A 371 -8.85 11.30 3.11
C CYS A 371 -9.00 10.69 1.62
N UNK A 372 -9.29 9.41 1.57
CA UNK A 372 -9.36 8.70 0.30
C UNK A 372 -10.43 7.62 0.29
N ILE A 373 -10.39 6.93 1.31
CA ILE A 373 -11.27 5.90 1.64
C ILE A 373 -12.65 6.50 1.69
N UNK A 374 -12.67 7.83 1.66
CA UNK A 374 -13.93 8.56 1.76
C UNK A 374 -14.26 9.19 0.39
N ALA A 375 -13.31 9.88 -0.25
CA ALA A 375 -13.51 10.49 -1.63
C ALA A 375 -14.26 9.37 -2.54
N ILE A 376 -13.69 8.17 -2.48
CA ILE A 376 -14.25 6.95 -3.18
C ILE A 376 -15.67 6.65 -2.60
N CYS A 377 -15.71 6.07 -1.47
CA CYS A 377 -16.95 5.74 -0.74
C CYS A 377 -18.04 6.86 -0.86
N GLN A 378 -17.67 7.99 -1.44
CA GLN A 378 -18.65 9.08 -1.60
C GLN A 378 -19.04 9.13 -3.01
N LYS A 379 -17.99 8.91 -3.83
CA LYS A 379 -18.04 8.83 -5.33
C LYS A 379 -18.97 7.75 -5.81
N LYS A 380 -19.04 6.75 -4.90
CA LYS A 380 -19.82 5.52 -5.00
C LYS A 380 -20.90 5.49 -3.92
N GLY A 381 -20.88 6.59 -3.08
CA GLY A 381 -21.78 6.83 -2.02
C GLY A 381 -21.98 5.62 -1.16
N TYR A 382 -21.10 5.37 -0.31
CA TYR A 382 -21.37 4.35 0.62
C TYR A 382 -21.70 5.20 1.75
N SER A 383 -22.59 4.65 2.52
CA SER A 383 -23.06 5.24 3.70
C SER A 383 -22.36 4.54 4.81
N SER A 384 -22.38 3.23 4.72
CA SER A 384 -21.81 2.35 5.71
C SER A 384 -20.80 1.45 5.10
N GLY A 385 -20.10 0.71 5.95
CA GLY A 385 -19.16 -0.24 5.46
C GLY A 385 -18.06 -0.39 6.39
N HIS A 386 -17.17 -1.18 5.84
CA HIS A 386 -15.92 -1.58 6.43
C HIS A 386 -14.83 -1.32 5.35
N ILE A 387 -13.51 -1.55 5.77
CA ILE A 387 -12.41 -1.26 4.88
C ILE A 387 -11.33 -2.07 5.30
N ALA A 388 -10.99 -3.04 4.62
CA ALA A 388 -9.87 -3.70 5.05
C ALA A 388 -8.73 -2.76 4.60
N ALA A 389 -8.08 -2.36 5.61
CA ALA A 389 -6.97 -1.54 5.56
C ALA A 389 -5.79 -2.57 5.90
N UNK A 390 -4.70 -2.49 5.19
CA UNK A 390 -3.56 -3.39 5.44
C UNK A 390 -2.31 -2.72 5.03
N GLY A 391 -1.29 -2.94 5.96
CA GLY A 391 0.06 -2.28 5.75
C GLY A 391 0.70 -2.11 7.09
N SER A 392 2.02 -2.35 7.07
CA SER A 392 2.86 -2.32 8.26
C SER A 392 2.58 -1.04 9.00
N UNK A 393 2.18 -0.07 8.20
CA UNK A 393 1.82 1.28 8.70
C UNK A 393 0.79 1.23 9.73
N ARG A 394 0.29 -0.04 9.79
CA ARG A 394 -0.79 -0.51 10.69
C ARG A 394 -0.23 -1.61 11.60
N ASP A 395 0.66 -1.02 12.41
CA ASP A 395 1.44 -1.69 13.43
C ASP A 395 2.58 -0.66 13.76
N TYR A 396 2.15 0.59 13.51
CA TYR A 396 2.89 1.84 13.69
C TYR A 396 2.26 2.74 14.83
N SER A 397 3.06 3.28 15.73
CA SER A 397 2.59 4.21 16.86
C SER A 397 1.30 4.75 16.64
N GLY A 398 0.64 4.90 17.70
CA GLY A 398 -0.83 5.46 17.71
C GLY A 398 -1.36 5.95 16.24
N PHE A 399 -2.05 5.04 15.45
CA PHE A 399 -2.46 5.41 13.98
C PHE A 399 -3.87 5.06 13.44
N SER A 400 -4.44 4.05 14.04
CA SER A 400 -5.71 3.50 13.56
C SER A 400 -6.91 4.27 13.96
N UNK A 401 -6.73 5.13 14.84
CA UNK A 401 -7.77 5.91 15.26
C UNK A 401 -7.68 7.28 14.56
N ASN A 402 -6.90 7.36 13.47
CA ASN A 402 -6.78 8.64 12.71
C ASN A 402 -7.57 8.47 11.53
N SER A 403 -7.09 7.53 10.73
CA SER A 403 -7.79 7.15 9.52
C SER A 403 -9.25 7.19 9.80
N ALA A 404 -9.49 6.53 10.98
CA ALA A 404 -10.82 6.34 11.62
C ALA A 404 -11.34 7.63 12.12
N THR A 405 -11.03 7.97 13.28
CA THR A 405 -11.48 9.22 13.85
C THR A 405 -11.45 10.38 12.70
N UNK A 406 -10.44 10.28 11.77
CA UNK A 406 -10.22 11.32 10.69
C UNK A 406 -11.22 11.37 9.64
N ASN A 407 -11.80 10.20 9.42
CA ASN A 407 -12.87 9.99 8.50
C ASN A 407 -14.13 10.79 8.95
N UNK A 408 -14.31 10.81 10.24
CA UNK A 408 -15.42 11.47 10.89
C UNK A 408 -15.17 12.90 10.71
N ASN A 409 -14.06 13.23 10.37
CA ASN A 409 -13.86 14.60 10.20
C ASN A 409 -14.53 14.98 8.88
N ILE A 410 -14.05 14.29 7.75
CA ILE A 410 -14.57 14.52 6.41
C ILE A 410 -15.99 14.33 6.38
N TYR A 411 -16.35 13.21 6.99
CA TYR A 411 -17.75 12.86 7.16
C TYR A 411 -18.34 13.81 8.22
N GLY A 412 -18.10 13.57 9.53
CA GLY A 412 -18.61 14.51 10.66
C GLY A 412 -19.38 13.79 11.76
N TRP A 413 -19.38 12.56 11.62
CA TRP A 413 -20.01 11.62 12.49
C TRP A 413 -19.86 11.96 13.96
N PRO A 414 -20.96 12.40 14.59
CA PRO A 414 -20.93 12.72 16.08
C PRO A 414 -21.38 11.58 16.85
N GLN A 415 -20.46 10.52 16.97
CA GLN A 415 -20.77 9.22 17.75
C GLN A 415 -19.62 8.61 18.53
N SER A 416 -20.19 7.89 19.59
CA SER A 416 -19.47 7.11 20.67
C SER A 416 -18.17 6.48 20.15
N ALA A 417 -18.21 5.39 19.46
CA ALA A 417 -16.93 4.84 18.97
C ALA A 417 -16.92 4.73 17.43
N UNK A 418 -15.81 4.15 16.99
CA UNK A 418 -15.56 3.83 15.61
C UNK A 418 -16.42 2.73 15.28
N UNK A 419 -16.47 1.86 16.29
CA UNK A 419 -17.23 0.62 16.30
C UNK A 419 -18.70 0.95 16.00
N SER A 420 -19.14 1.87 16.95
CA SER A 420 -20.51 2.52 16.98
C SER A 420 -20.58 3.49 15.69
N LYS A 421 -19.34 3.81 15.28
CA LYS A 421 -18.99 4.70 14.13
C LYS A 421 -19.67 4.27 12.87
N PRO A 422 -20.30 5.14 12.25
CA PRO A 422 -21.06 4.81 10.92
C PRO A 422 -20.27 3.88 9.83
N ILE A 423 -18.99 4.35 9.44
CA ILE A 423 -18.02 3.56 8.50
C ILE A 423 -16.82 3.16 9.23
N UNK A 424 -16.71 1.93 9.37
CA UNK A 424 -15.68 1.39 10.12
C UNK A 424 -14.51 0.64 9.22
N ILE A 425 -13.23 1.17 9.45
CA ILE A 425 -11.96 0.60 8.85
C ILE A 425 -11.49 -0.46 9.78
N THR A 426 -11.76 -1.73 9.28
CA THR A 426 -11.41 -2.95 10.04
C THR A 426 -10.11 -3.59 9.47
N PRO A 427 -9.38 -4.47 10.17
CA PRO A 427 -8.12 -5.10 9.51
C PRO A 427 -8.57 -6.13 8.53
N ALA A 428 -7.97 -6.17 7.32
CA ALA A 428 -8.44 -7.14 6.22
C ALA A 428 -7.76 -8.61 6.33
N ILE A 429 -8.37 -9.58 5.65
CA ILE A 429 -7.79 -10.94 5.63
C ILE A 429 -6.63 -10.98 4.68
N ASP A 430 -5.70 -11.95 4.92
CA ASP A 430 -4.34 -11.96 3.98
C ASP A 430 -4.49 -11.43 2.43
N GLY A 431 -4.41 -10.11 2.18
CA GLY A 431 -4.62 -9.48 0.76
C GLY A 431 -3.48 -9.78 -0.38
N GLU A 432 -2.23 -9.96 0.04
CA GLU A 432 -1.09 -10.19 -0.91
C GLU A 432 -0.91 -11.69 -1.40
N GLY A 433 -1.16 -12.68 -0.55
CA GLY A 433 -1.03 -14.13 -0.97
C GLY A 433 -2.50 -14.85 -0.91
N ALA A 434 -3.47 -14.17 -0.15
CA ALA A 434 -4.97 -14.61 0.12
C ALA A 434 -5.98 -14.21 -0.98
N ALA A 435 -5.99 -12.97 -1.24
CA ALA A 435 -6.82 -12.39 -2.26
C ALA A 435 -6.52 -13.13 -3.55
N UNK A 436 -5.31 -13.70 -3.36
CA UNK A 436 -4.59 -14.46 -4.31
C UNK A 436 -5.20 -15.70 -4.56
N UNK A 437 -5.23 -16.50 -3.60
CA UNK A 437 -5.81 -17.77 -3.77
C UNK A 437 -7.24 -17.69 -4.23
N VAL A 438 -8.01 -17.01 -3.47
CA VAL A 438 -9.50 -16.75 -3.83
C VAL A 438 -9.70 -15.81 -5.15
N ILE A 439 -8.65 -15.22 -5.72
CA ILE A 439 -8.73 -14.30 -6.96
C ILE A 439 -8.50 -15.03 -8.27
N UNK A 440 -8.04 -16.20 -7.99
CA UNK A 440 -7.66 -17.17 -8.93
C UNK A 440 -8.76 -18.18 -9.01
N SER A 441 -9.30 -18.46 -7.81
CA SER A 441 -10.27 -19.42 -7.64
C SER A 441 -11.47 -19.02 -8.36
N ILE A 442 -11.52 -17.78 -8.69
CA ILE A 442 -12.67 -17.10 -9.39
C ILE A 442 -12.29 -16.93 -10.89
N ALA A 443 -11.00 -16.83 -11.10
CA ALA A 443 -10.44 -16.66 -12.37
C ALA A 443 -10.71 -17.93 -13.27
N SER A 444 -10.38 -19.04 -12.70
CA SER A 444 -10.47 -20.25 -13.31
C SER A 444 -11.84 -20.45 -13.65
N SER A 445 -12.62 -20.42 -12.55
CA SER A 445 -14.06 -20.52 -12.62
C SER A 445 -14.49 -19.73 -13.93
N GLN A 446 -14.67 -18.44 -13.79
CA GLN A 446 -15.04 -17.52 -14.97
C GLN A 446 -14.59 -18.10 -16.38
N UNK A 447 -13.40 -18.60 -16.46
CA UNK A 447 -12.80 -19.18 -17.68
C UNK A 447 -13.75 -20.25 -18.30
N UNK A 448 -13.77 -21.35 -17.73
CA UNK A 448 -14.58 -22.42 -18.16
C UNK A 448 -15.81 -21.87 -18.78
N UNK A 449 -16.90 -22.04 -18.15
CA UNK A 449 -18.12 -21.56 -18.73
C UNK A 449 -17.71 -20.44 -19.70
N ALA A 450 -16.37 -20.65 -20.23
CA ALA A 450 -15.79 -19.73 -21.19
C ALA A 450 -16.68 -18.42 -21.21
N UNK A 451 -16.61 -17.74 -20.15
CA UNK A 451 -17.37 -16.55 -19.89
C UNK A 451 -16.64 -15.39 -20.39
N UNK A 452 -15.55 -15.14 -19.61
CA UNK A 452 -14.65 -13.93 -19.95
C UNK A 452 -13.57 -13.54 -18.84
N SER A 453 -12.56 -12.75 -19.24
CA SER A 453 -11.53 -12.37 -18.27
C SER A 453 -10.68 -11.11 -18.72
N ALA A 454 -10.81 -10.44 -19.84
CA ALA A 454 -9.88 -9.22 -20.04
C ALA A 454 -10.37 -8.28 -21.00
N UNK A 455 -9.59 -7.31 -21.31
CA UNK A 455 -10.02 -6.38 -22.32
C UNK A 455 -9.97 -7.14 -23.71
N UNK A 456 -11.22 -7.62 -24.08
CA UNK A 456 -11.56 -8.33 -25.41
C UNK A 456 -10.28 -8.45 -26.27
N ALA A 457 -9.97 -9.71 -26.52
CA ALA A 457 -8.86 -10.10 -27.24
C ALA A 457 -8.68 -9.20 -28.43
#